data_2W60
#
_entry.id   2W60
#
_cell.length_a   44.800
_cell.length_b   70.000
_cell.length_c   136.600
_cell.angle_alpha   90.00
_cell.angle_beta   90.00
_cell.angle_gamma   90.00
#
_symmetry.space_group_name_H-M   'P 21 21 21'
#
loop_
_entity.id
_entity.type
_entity.pdbx_description
1 polymer 'ANTI-CITRULLINATED COLLAGEN TYPE II FAB ACC4'
2 polymer 'ANTI-CITRULLINATED COLLAGEN TYPE II FAB ACC4'
3 non-polymer 'NITRATE ION'
4 water water
#
loop_
_entity_poly.entity_id
_entity_poly.type
_entity_poly.pdbx_seq_one_letter_code
_entity_poly.pdbx_strand_id
1 'polypeptide(L)'
;QIQLVQSGPELKKPGETVKISCKASGYTFTDYSIHWVKQAPGKGLKWMGWINTETGEPTYTDDFKGRFAFSLESSASTAF
LQINNLKNEDTATYFCARATTATELAYWGQGTLVTVSAAKTTPPSVYPLAPGSAAQTNSMVTLGCLVKGYFPEPVTVTWN
SGSLSSGVHTFPAVLQSDLYTLSSSVTVPSSTWPSETVTCNVAHPASSTKVDKKIVPR
;
A
2 'polypeptide(L)'
;DVVMTQTPLTLSVTIGQPASISCKSSQSLLDSDGKTYLNWLLQRPGQSPKRLIYLVSKLDSGVPDRFTGSGSGTDFTLKI
SRVEAEDLGVYYCWQGTHFPLTFGAGTKLELKRADAAPTVSIFPPSSEQLTSGGASVVCFLNNFYPKDINVKWKIDGSER
QNGVLNSWTDQDSKDSTYSMSSTLTLTKDEYERHNSYTCEATHKTSTSPIVKSFNRN
;
B
#
loop_
_chem_comp.id
_chem_comp.type
_chem_comp.name
_chem_comp.formula
NO3 non-polymer 'NITRATE ION' 'N O3 -1'
#
# COMPACT_ATOMS: atom_id res chain seq x y z
N GLN A 1 -12.53 -25.25 6.31
CA GLN A 1 -13.92 -25.73 6.51
C GLN A 1 -14.92 -24.57 6.80
N ILE A 2 -14.65 -23.80 7.84
CA ILE A 2 -15.36 -22.52 8.00
C ILE A 2 -14.82 -21.61 6.91
N GLN A 3 -15.70 -21.07 6.07
CA GLN A 3 -15.23 -20.14 5.02
C GLN A 3 -16.20 -19.01 4.81
N LEU A 4 -15.64 -17.84 4.57
CA LEU A 4 -16.41 -16.67 4.08
C LEU A 4 -15.85 -16.28 2.70
N VAL A 5 -16.67 -16.31 1.67
CA VAL A 5 -16.19 -16.02 0.34
C VAL A 5 -16.89 -14.76 -0.16
N GLN A 6 -16.12 -13.76 -0.52
CA GLN A 6 -16.69 -12.46 -0.91
C GLN A 6 -16.70 -12.32 -2.44
N SER A 7 -17.63 -11.49 -2.94
CA SER A 7 -17.79 -11.26 -4.36
C SER A 7 -16.59 -10.48 -4.93
N GLY A 8 -16.47 -10.44 -6.24
CA GLY A 8 -15.30 -9.85 -6.86
C GLY A 8 -15.34 -8.32 -6.85
N PRO A 9 -14.26 -7.71 -7.35
CA PRO A 9 -14.07 -6.26 -7.34
C PRO A 9 -15.15 -5.50 -8.11
N GLU A 10 -15.47 -4.28 -7.69
CA GLU A 10 -16.49 -3.45 -8.33
C GLU A 10 -15.90 -2.09 -8.68
N LEU A 11 -16.21 -1.60 -9.86
CA LEU A 11 -15.86 -0.22 -10.25
C LEU A 11 -17.16 0.52 -10.46
N LYS A 12 -17.33 1.61 -9.76
CA LYS A 12 -18.55 2.39 -9.83
C LYS A 12 -18.25 3.89 -9.94
N LYS A 13 -19.19 4.62 -10.46
CA LYS A 13 -19.10 6.06 -10.55
C LYS A 13 -19.66 6.72 -9.30
N PRO A 14 -19.17 7.93 -8.97
CA PRO A 14 -19.71 8.66 -7.82
C PRO A 14 -21.25 8.80 -7.93
N GLY A 15 -21.95 8.61 -6.84
CA GLY A 15 -23.39 8.73 -6.80
C GLY A 15 -24.15 7.44 -7.10
N GLU A 16 -23.42 6.42 -7.56
CA GLU A 16 -24.02 5.12 -7.86
C GLU A 16 -24.13 4.27 -6.58
N THR A 17 -24.69 3.09 -6.75
CA THR A 17 -24.86 2.11 -5.66
C THR A 17 -24.01 0.86 -5.95
N VAL A 18 -23.54 0.24 -4.91
CA VAL A 18 -22.84 -1.04 -5.04
C VAL A 18 -23.39 -1.97 -4.00
N LYS A 19 -23.49 -3.25 -4.34
CA LYS A 19 -23.90 -4.26 -3.36
C LYS A 19 -22.91 -5.43 -3.46
N ILE A 20 -22.30 -5.77 -2.35
CA ILE A 20 -21.31 -6.83 -2.34
C ILE A 20 -21.75 -7.94 -1.42
N SER A 21 -21.31 -9.15 -1.71
CA SER A 21 -21.80 -10.33 -0.99
C SER A 21 -20.71 -11.08 -0.24
N CYS A 22 -21.13 -11.80 0.77
CA CYS A 22 -20.27 -12.53 1.66
C CYS A 22 -20.98 -13.87 1.90
N LYS A 23 -20.57 -14.90 1.21
CA LYS A 23 -21.25 -16.21 1.32
C LYS A 23 -20.50 -17.09 2.31
N ALA A 24 -21.22 -17.55 3.33
CA ALA A 24 -20.62 -18.39 4.34
C ALA A 24 -20.87 -19.90 4.07
N SER A 25 -19.97 -20.70 4.58
CA SER A 25 -20.18 -22.15 4.57
C SER A 25 -19.39 -22.79 5.71
N GLY A 26 -19.74 -24.05 6.01
CA GLY A 26 -19.01 -24.81 7.00
C GLY A 26 -19.56 -24.71 8.40
N TYR A 27 -20.67 -23.99 8.56
CA TYR A 27 -21.33 -23.84 9.84
C TYR A 27 -22.74 -23.32 9.66
N THR A 28 -23.46 -23.22 10.78
CA THR A 28 -24.84 -22.76 10.82
C THR A 28 -24.85 -21.20 10.77
N PHE A 29 -25.28 -20.70 9.64
CA PHE A 29 -25.15 -19.25 9.30
C PHE A 29 -25.80 -18.35 10.35
N THR A 30 -26.96 -18.80 10.84
CA THR A 30 -27.79 -17.94 11.70
C THR A 30 -27.36 -18.01 13.14
N ASP A 31 -26.28 -18.72 13.42
CA ASP A 31 -25.78 -18.84 14.80
C ASP A 31 -24.78 -17.77 15.26
N TYR A 32 -24.14 -17.09 14.29
CA TYR A 32 -23.05 -16.14 14.58
C TYR A 32 -23.24 -14.84 13.81
N SER A 33 -22.89 -13.73 14.45
CA SER A 33 -23.01 -12.43 13.74
C SER A 33 -21.96 -12.29 12.63
N ILE A 34 -22.29 -11.45 11.67
CA ILE A 34 -21.37 -11.07 10.61
C ILE A 34 -21.00 -9.60 10.80
N HIS A 35 -19.71 -9.34 10.80
CA HIS A 35 -19.16 -8.01 10.97
C HIS A 35 -18.59 -7.49 9.66
N TRP A 36 -18.57 -6.18 9.50
CA TRP A 36 -17.96 -5.58 8.33
C TRP A 36 -16.89 -4.60 8.72
N VAL A 37 -15.81 -4.61 7.94
CA VAL A 37 -14.61 -3.84 8.23
C VAL A 37 -14.15 -3.18 6.95
N LYS A 38 -13.77 -1.92 7.04
CA LYS A 38 -13.29 -1.16 5.89
C LYS A 38 -11.79 -0.91 5.99
N GLN A 39 -11.10 -1.03 4.89
CA GLN A 39 -9.70 -0.65 4.80
C GLN A 39 -9.47 0.15 3.54
N ALA A 40 -9.30 1.46 3.74
CA ALA A 40 -8.93 2.34 2.64
C ALA A 40 -7.52 1.95 2.14
N PRO A 41 -7.24 2.21 0.87
CA PRO A 41 -5.95 1.78 0.30
C PRO A 41 -4.77 2.31 1.10
N GLY A 42 -3.93 1.41 1.54
CA GLY A 42 -2.72 1.78 2.32
C GLY A 42 -2.97 2.24 3.74
N LYS A 43 -4.22 2.10 4.21
CA LYS A 43 -4.56 2.51 5.57
C LYS A 43 -4.86 1.32 6.47
N GLY A 44 -5.30 1.59 7.69
CA GLY A 44 -5.63 0.57 8.64
C GLY A 44 -7.07 0.08 8.54
N LEU A 45 -7.50 -0.63 9.57
CA LEU A 45 -8.76 -1.30 9.61
C LEU A 45 -9.72 -0.49 10.46
N LYS A 46 -10.97 -0.41 10.03
CA LYS A 46 -11.99 0.36 10.71
C LYS A 46 -13.27 -0.48 10.73
N TRP A 47 -13.81 -0.71 11.90
CA TRP A 47 -15.02 -1.50 12.08
C TRP A 47 -16.26 -0.70 11.67
N MET A 48 -17.13 -1.30 10.84
CA MET A 48 -18.34 -0.64 10.36
C MET A 48 -19.57 -0.92 11.19
N GLY A 49 -19.60 -2.07 11.84
CA GLY A 49 -20.78 -2.56 12.53
C GLY A 49 -21.01 -4.00 12.25
N TRP A 50 -22.21 -4.47 12.57
CA TRP A 50 -22.50 -5.91 12.41
C TRP A 50 -23.96 -6.12 12.07
N ILE A 51 -24.27 -7.30 11.60
CA ILE A 51 -25.66 -7.71 11.45
C ILE A 51 -25.89 -8.98 12.26
N ASN A 52 -26.97 -8.98 13.00
CA ASN A 52 -27.41 -10.14 13.76
C ASN A 52 -28.06 -11.09 12.78
N THR A 53 -27.52 -12.31 12.65
CA THR A 53 -27.98 -13.23 11.63
C THR A 53 -29.22 -14.03 12.05
N GLU A 54 -29.65 -13.84 13.28
CA GLU A 54 -30.91 -14.43 13.76
C GLU A 54 -32.08 -13.49 13.56
N THR A 55 -31.88 -12.24 13.94
CA THR A 55 -32.94 -11.22 13.95
C THR A 55 -32.97 -10.38 12.70
N GLY A 56 -31.80 -10.33 12.06
CA GLY A 56 -31.57 -9.54 10.85
C GLY A 56 -31.29 -8.09 11.13
N GLU A 57 -31.21 -7.71 12.41
CA GLU A 57 -31.03 -6.30 12.81
C GLU A 57 -29.57 -5.85 12.55
N PRO A 58 -29.39 -4.84 11.72
CA PRO A 58 -28.04 -4.31 11.52
C PRO A 58 -27.77 -3.15 12.48
N THR A 59 -26.52 -3.01 12.92
CA THR A 59 -26.09 -1.91 13.73
C THR A 59 -24.82 -1.31 13.16
N TYR A 60 -24.81 -0.02 12.93
CA TYR A 60 -23.71 0.69 12.30
C TYR A 60 -23.05 1.59 13.34
N THR A 61 -21.73 1.69 13.30
CA THR A 61 -21.06 2.78 14.00
C THR A 61 -21.54 4.11 13.41
N ASP A 62 -21.39 5.19 14.14
CA ASP A 62 -21.85 6.48 13.64
C ASP A 62 -21.14 6.90 12.34
N ASP A 63 -19.90 6.42 12.14
CA ASP A 63 -19.18 6.71 10.90
C ASP A 63 -19.87 6.13 9.70
N PHE A 64 -20.65 5.05 9.90
CA PHE A 64 -21.31 4.38 8.80
C PHE A 64 -22.82 4.44 8.84
N LYS A 65 -23.34 5.50 9.45
CA LYS A 65 -24.80 5.71 9.38
C LYS A 65 -25.11 6.27 7.99
N GLY A 66 -26.31 6.23 7.59
CA GLY A 66 -26.78 6.94 6.40
C GLY A 66 -26.76 6.06 5.17
N ARG A 67 -25.60 5.94 4.54
CA ARG A 67 -25.52 5.38 3.18
C ARG A 67 -25.20 3.90 3.14
N PHE A 68 -25.12 3.25 4.29
CA PHE A 68 -24.65 1.85 4.33
C PHE A 68 -25.78 0.94 4.80
N ALA A 69 -25.94 -0.19 4.13
CA ALA A 69 -26.99 -1.13 4.51
C ALA A 69 -26.47 -2.57 4.55
N PHE A 70 -26.54 -3.19 5.72
CA PHE A 70 -26.25 -4.61 5.85
C PHE A 70 -27.52 -5.38 5.66
N SER A 71 -27.45 -6.47 4.90
CA SER A 71 -28.61 -7.35 4.81
C SER A 71 -28.24 -8.81 4.72
N LEU A 72 -29.25 -9.67 4.74
CA LEU A 72 -29.02 -11.10 4.69
C LEU A 72 -29.92 -11.76 3.61
N GLU A 73 -29.44 -12.86 3.07
CA GLU A 73 -30.31 -13.92 2.49
C GLU A 73 -29.96 -15.18 3.25
N SER A 74 -30.63 -15.41 4.38
CA SER A 74 -30.23 -16.48 5.28
C SER A 74 -30.36 -17.88 4.66
N SER A 75 -31.31 -18.05 3.76
CA SER A 75 -31.50 -19.35 3.07
C SER A 75 -30.32 -19.70 2.19
N ALA A 76 -29.53 -18.68 1.87
CA ALA A 76 -28.36 -18.86 1.02
C ALA A 76 -27.09 -18.59 1.79
N SER A 77 -27.24 -18.43 3.11
CA SER A 77 -26.11 -18.24 4.02
C SER A 77 -25.23 -17.06 3.56
N THR A 78 -25.89 -16.02 3.10
CA THR A 78 -25.17 -14.88 2.49
C THR A 78 -25.50 -13.59 3.19
N ALA A 79 -24.46 -12.81 3.45
CA ALA A 79 -24.60 -11.45 3.99
C ALA A 79 -24.22 -10.46 2.90
N PHE A 80 -24.86 -9.31 2.89
CA PHE A 80 -24.59 -8.27 1.87
C PHE A 80 -24.28 -6.94 2.52
N LEU A 81 -23.45 -6.17 1.86
CA LEU A 81 -23.23 -4.78 2.19
C LEU A 81 -23.58 -3.95 0.95
N GLN A 82 -24.52 -3.02 1.10
CA GLN A 82 -24.82 -2.11 0.04
C GLN A 82 -24.38 -0.73 0.43
N ILE A 83 -23.76 -0.01 -0.50
CA ILE A 83 -23.38 1.38 -0.28
C ILE A 83 -24.07 2.23 -1.32
N ASN A 84 -24.78 3.23 -0.84
CA ASN A 84 -25.55 4.13 -1.65
C ASN A 84 -24.84 5.43 -1.82
N ASN A 85 -25.19 6.17 -2.88
CA ASN A 85 -24.63 7.50 -3.14
C ASN A 85 -23.12 7.50 -2.99
N LEU A 86 -22.46 6.63 -3.73
CA LEU A 86 -21.01 6.40 -3.62
C LEU A 86 -20.18 7.67 -3.71
N LYS A 87 -19.14 7.74 -2.88
CA LYS A 87 -18.24 8.89 -2.86
C LYS A 87 -16.84 8.37 -3.10
N ASN A 88 -15.96 9.23 -3.58
CA ASN A 88 -14.55 8.83 -3.82
C ASN A 88 -13.95 8.13 -2.61
N GLU A 89 -14.20 8.67 -1.42
CA GLU A 89 -13.64 8.14 -0.17
C GLU A 89 -14.23 6.77 0.24
N ASP A 90 -15.20 6.28 -0.49
CA ASP A 90 -15.70 4.92 -0.28
C ASP A 90 -14.75 3.90 -0.94
N THR A 91 -13.80 4.39 -1.75
CA THR A 91 -12.83 3.48 -2.36
C THR A 91 -12.06 2.76 -1.28
N ALA A 92 -12.15 1.42 -1.24
CA ALA A 92 -11.59 0.66 -0.13
C ALA A 92 -11.82 -0.81 -0.36
N THR A 93 -11.15 -1.62 0.42
CA THR A 93 -11.44 -3.03 0.50
C THR A 93 -12.39 -3.19 1.69
N TYR A 94 -13.49 -3.88 1.47
CA TYR A 94 -14.46 -4.21 2.52
C TYR A 94 -14.38 -5.69 2.86
N PHE A 95 -14.16 -6.00 4.12
CA PHE A 95 -14.11 -7.35 4.62
C PHE A 95 -15.36 -7.69 5.42
N CYS A 96 -15.85 -8.91 5.23
CA CYS A 96 -16.79 -9.48 6.17
C CYS A 96 -16.04 -10.41 7.11
N ALA A 97 -16.52 -10.56 8.33
CA ALA A 97 -15.92 -11.47 9.27
C ALA A 97 -17.03 -12.11 10.11
N ARG A 98 -16.79 -13.30 10.62
CA ARG A 98 -17.81 -13.96 11.44
C ARG A 98 -17.33 -14.05 12.86
N ALA A 99 -18.25 -13.93 13.80
CA ALA A 99 -17.93 -14.01 15.20
C ALA A 99 -17.87 -15.46 15.72
N THR A 100 -17.25 -15.55 16.86
CA THR A 100 -17.16 -16.75 17.67
C THR A 100 -17.56 -16.22 19.04
N THR A 101 -17.81 -17.09 20.02
CA THR A 101 -18.13 -16.57 21.35
C THR A 101 -16.92 -15.84 21.99
N ALA A 102 -15.74 -16.20 21.56
CA ALA A 102 -14.51 -15.62 22.12
C ALA A 102 -14.06 -14.35 21.41
N THR A 103 -14.51 -14.13 20.18
CA THR A 103 -14.03 -12.95 19.42
C THR A 103 -14.96 -12.61 18.26
N GLU A 104 -15.24 -11.34 18.14
CA GLU A 104 -16.16 -10.86 17.10
C GLU A 104 -15.61 -11.13 15.69
N LEU A 105 -14.29 -11.00 15.52
CA LEU A 105 -13.70 -11.08 14.19
C LEU A 105 -12.82 -12.36 14.09
N ALA A 106 -13.46 -13.51 14.08
CA ALA A 106 -12.76 -14.80 14.15
C ALA A 106 -12.35 -15.31 12.82
N TYR A 107 -13.24 -15.25 11.85
CA TYR A 107 -12.98 -15.77 10.50
C TYR A 107 -13.26 -14.69 9.50
N TRP A 108 -12.35 -14.48 8.58
CA TRP A 108 -12.37 -13.33 7.68
C TRP A 108 -12.59 -13.76 6.22
N GLY A 109 -13.42 -13.01 5.51
CA GLY A 109 -13.49 -13.10 4.07
C GLY A 109 -12.23 -12.53 3.44
N GLN A 110 -12.08 -12.71 2.16
CA GLN A 110 -10.87 -12.31 1.47
C GLN A 110 -10.90 -10.85 1.04
N GLY A 111 -12.03 -10.19 1.27
CA GLY A 111 -12.15 -8.79 0.91
C GLY A 111 -12.71 -8.58 -0.47
N THR A 112 -13.40 -7.44 -0.65
CA THR A 112 -13.90 -7.02 -1.93
C THR A 112 -13.46 -5.55 -2.14
N LEU A 113 -12.74 -5.31 -3.20
CA LEU A 113 -12.28 -3.95 -3.51
C LEU A 113 -13.35 -3.21 -4.29
N VAL A 114 -13.74 -2.08 -3.75
CA VAL A 114 -14.68 -1.21 -4.38
C VAL A 114 -13.92 0.05 -4.78
N THR A 115 -13.92 0.35 -6.07
CA THR A 115 -13.27 1.52 -6.58
C THR A 115 -14.35 2.49 -7.06
N VAL A 116 -14.33 3.70 -6.56
N VAL A 116 -14.31 3.72 -6.56
CA VAL A 116 -15.25 4.72 -7.05
CA VAL A 116 -15.23 4.77 -6.99
C VAL A 116 -14.47 5.79 -7.81
C VAL A 116 -14.48 5.80 -7.81
N SER A 117 -14.83 5.97 -9.07
CA SER A 117 -14.11 6.86 -9.96
C SER A 117 -14.98 7.28 -11.16
N ALA A 118 -14.81 8.52 -11.60
CA ALA A 118 -15.45 9.01 -12.81
C ALA A 118 -14.55 8.87 -14.05
N ALA A 119 -13.39 8.27 -13.87
CA ALA A 119 -12.44 8.11 -14.97
C ALA A 119 -12.93 7.15 -16.06
N LYS A 120 -12.43 7.35 -17.27
CA LYS A 120 -12.72 6.48 -18.36
C LYS A 120 -11.44 5.72 -18.69
N THR A 121 -11.58 4.54 -19.31
CA THR A 121 -10.44 3.74 -19.76
C THR A 121 -9.52 4.58 -20.64
N THR A 122 -8.29 4.69 -20.23
CA THR A 122 -7.29 5.55 -20.87
C THR A 122 -5.93 4.82 -20.87
N PRO A 123 -5.30 4.69 -22.04
CA PRO A 123 -3.99 4.00 -22.08
C PRO A 123 -2.90 4.97 -21.60
N PRO A 124 -1.81 4.43 -21.05
CA PRO A 124 -0.73 5.27 -20.58
C PRO A 124 0.10 5.88 -21.73
N SER A 125 0.65 7.04 -21.48
CA SER A 125 1.76 7.55 -22.24
C SER A 125 3.04 6.99 -21.60
N VAL A 126 3.98 6.52 -22.41
CA VAL A 126 5.20 5.96 -21.87
C VAL A 126 6.41 6.79 -22.36
N TYR A 127 7.15 7.37 -21.42
CA TYR A 127 8.26 8.24 -21.74
C TYR A 127 9.58 7.65 -21.25
N PRO A 128 10.64 7.72 -22.07
CA PRO A 128 11.92 7.16 -21.68
C PRO A 128 12.68 8.09 -20.74
N LEU A 129 13.45 7.51 -19.82
CA LEU A 129 14.31 8.19 -18.87
C LEU A 129 15.73 7.72 -19.06
N ALA A 130 16.58 8.56 -19.64
CA ALA A 130 17.94 8.14 -19.93
C ALA A 130 18.90 9.24 -19.55
N PRO A 131 20.15 8.88 -19.19
CA PRO A 131 21.18 9.91 -19.06
C PRO A 131 21.61 10.41 -20.42
N GLY A 132 22.30 11.54 -20.44
CA GLY A 132 22.87 12.07 -21.66
C GLY A 132 24.03 11.23 -22.11
N SER A 133 24.29 11.31 -23.40
CA SER A 133 25.33 10.53 -24.03
C SER A 133 26.71 10.77 -23.41
N ALA A 134 26.96 12.02 -22.99
CA ALA A 134 28.28 12.41 -22.47
C ALA A 134 28.30 12.57 -20.98
N ALA A 135 27.26 12.07 -20.31
CA ALA A 135 27.24 12.08 -18.86
C ALA A 135 28.38 11.24 -18.30
N GLN A 136 28.89 11.64 -17.15
CA GLN A 136 29.97 10.89 -16.47
C GLN A 136 29.37 9.59 -15.96
N THR A 137 30.05 8.48 -16.19
CA THR A 137 29.50 7.19 -15.78
C THR A 137 30.35 6.48 -14.76
N ASN A 138 29.72 5.53 -14.10
CA ASN A 138 30.33 4.68 -13.08
C ASN A 138 30.16 3.24 -13.52
N SER A 139 30.29 2.33 -12.58
CA SER A 139 30.13 0.91 -12.88
C SER A 139 28.71 0.57 -13.32
N MET A 140 27.72 1.29 -12.75
CA MET A 140 26.31 1.05 -13.08
C MET A 140 25.67 2.28 -13.64
N VAL A 141 24.62 2.07 -14.42
CA VAL A 141 23.81 3.20 -14.95
C VAL A 141 22.34 2.93 -14.64
N THR A 142 21.60 4.00 -14.37
CA THR A 142 20.17 3.90 -14.06
C THR A 142 19.34 4.47 -15.16
N LEU A 143 18.43 3.68 -15.66
CA LEU A 143 17.49 4.09 -16.72
C LEU A 143 16.07 3.98 -16.19
N GLY A 144 15.11 4.43 -16.94
CA GLY A 144 13.73 4.30 -16.49
C GLY A 144 12.67 4.59 -17.51
N CYS A 145 11.42 4.36 -17.11
CA CYS A 145 10.27 4.70 -17.96
C CYS A 145 9.23 5.35 -17.07
N LEU A 146 8.66 6.43 -17.55
CA LEU A 146 7.54 7.14 -16.92
C LEU A 146 6.28 6.68 -17.61
N VAL A 147 5.32 6.17 -16.83
CA VAL A 147 4.10 5.59 -17.33
C VAL A 147 2.93 6.45 -16.86
N LYS A 148 2.47 7.33 -17.72
CA LYS A 148 1.73 8.50 -17.25
C LYS A 148 0.28 8.55 -17.75
N GLY A 149 -0.64 8.77 -16.84
CA GLY A 149 -2.00 9.10 -17.19
C GLY A 149 -2.80 7.93 -17.75
N TYR A 150 -3.03 6.92 -16.93
CA TYR A 150 -3.84 5.78 -17.38
C TYR A 150 -4.93 5.40 -16.38
N PHE A 151 -5.88 4.64 -16.86
CA PHE A 151 -6.95 4.10 -16.04
C PHE A 151 -7.60 2.94 -16.82
N PRO A 152 -8.04 1.90 -16.11
CA PRO A 152 -7.84 1.59 -14.71
C PRO A 152 -6.50 0.95 -14.44
N GLU A 153 -6.22 0.65 -13.19
CA GLU A 153 -5.13 -0.27 -12.87
C GLU A 153 -5.58 -1.67 -13.34
N PRO A 154 -4.63 -2.54 -13.68
CA PRO A 154 -3.20 -2.35 -13.54
C PRO A 154 -2.51 -2.11 -14.87
N VAL A 155 -1.27 -1.71 -14.81
CA VAL A 155 -0.34 -1.96 -15.93
C VAL A 155 0.68 -2.97 -15.45
N THR A 156 1.38 -3.59 -16.39
CA THR A 156 2.49 -4.48 -16.09
CA THR A 156 2.51 -4.45 -16.07
C THR A 156 3.71 -3.94 -16.81
N VAL A 157 4.77 -3.71 -16.09
CA VAL A 157 6.01 -3.18 -16.64
C VAL A 157 7.08 -4.25 -16.58
N THR A 158 7.78 -4.40 -17.67
CA THR A 158 8.77 -5.38 -17.80
C THR A 158 9.95 -4.69 -18.50
N TRP A 159 11.15 -5.22 -18.33
CA TRP A 159 12.35 -4.70 -19.00
C TRP A 159 12.98 -5.82 -19.86
N ASN A 160 13.27 -5.51 -21.11
CA ASN A 160 13.77 -6.54 -22.06
C ASN A 160 12.94 -7.82 -21.97
N SER A 161 11.63 -7.66 -22.00
CA SER A 161 10.68 -8.78 -21.99
C SER A 161 10.85 -9.70 -20.78
N GLY A 162 11.37 -9.16 -19.69
CA GLY A 162 11.50 -9.89 -18.44
C GLY A 162 12.93 -10.38 -18.17
N SER A 163 13.79 -10.19 -19.14
CA SER A 163 15.21 -10.55 -19.01
C SER A 163 16.00 -9.68 -18.05
N LEU A 164 15.50 -8.44 -17.84
CA LEU A 164 16.09 -7.62 -16.82
C LEU A 164 15.08 -7.50 -15.67
N SER A 165 15.44 -8.05 -14.54
CA SER A 165 14.58 -7.94 -13.35
C SER A 165 15.32 -7.70 -12.03
N SER A 166 16.56 -8.16 -11.92
CA SER A 166 17.27 -8.03 -10.65
C SER A 166 17.56 -6.59 -10.24
N GLY A 167 17.63 -5.70 -11.22
CA GLY A 167 17.95 -4.31 -10.94
C GLY A 167 16.76 -3.40 -11.14
N VAL A 168 15.57 -3.96 -11.16
CA VAL A 168 14.34 -3.19 -11.43
C VAL A 168 13.60 -2.74 -10.19
N HIS A 169 13.14 -1.48 -10.18
CA HIS A 169 12.16 -0.97 -9.24
C HIS A 169 10.98 -0.44 -9.98
N THR A 170 9.82 -1.07 -9.82
CA THR A 170 8.62 -0.50 -10.38
C THR A 170 7.78 -0.01 -9.23
N PHE A 171 7.53 1.29 -9.27
CA PHE A 171 6.88 1.98 -8.14
C PHE A 171 5.39 1.77 -8.19
N PRO A 172 4.75 1.66 -7.02
CA PRO A 172 3.30 1.56 -6.99
C PRO A 172 2.65 2.74 -7.68
N ALA A 173 1.55 2.51 -8.38
CA ALA A 173 0.77 3.56 -9.05
C ALA A 173 0.21 4.52 -8.03
N VAL A 174 0.18 5.79 -8.40
CA VAL A 174 -0.46 6.83 -7.60
C VAL A 174 -1.38 7.65 -8.47
N LEU A 175 -2.51 8.05 -7.93
CA LEU A 175 -3.37 8.98 -8.66
C LEU A 175 -2.72 10.35 -8.85
N GLN A 176 -2.54 10.75 -10.09
CA GLN A 176 -2.04 12.09 -10.39
C GLN A 176 -3.28 13.01 -10.54
N SER A 177 -4.40 12.44 -11.01
CA SER A 177 -5.64 13.15 -11.19
CA SER A 177 -5.65 13.16 -11.17
C SER A 177 -6.76 12.15 -10.91
N ASP A 178 -7.66 11.96 -11.86
CA ASP A 178 -8.50 10.77 -11.84
C ASP A 178 -7.76 9.63 -12.53
N LEU A 179 -6.59 9.95 -13.08
CA LEU A 179 -5.72 8.95 -13.73
C LEU A 179 -4.51 8.56 -12.90
N TYR A 180 -3.99 7.40 -13.15
CA TYR A 180 -2.80 6.89 -12.47
C TYR A 180 -1.51 7.21 -13.20
N THR A 181 -0.43 7.33 -12.45
CA THR A 181 0.89 7.40 -13.04
C THR A 181 1.82 6.53 -12.21
N LEU A 182 2.74 5.86 -12.89
CA LEU A 182 3.81 5.16 -12.17
C LEU A 182 5.11 5.34 -12.92
N SER A 183 6.19 4.87 -12.36
CA SER A 183 7.48 4.94 -12.99
C SER A 183 8.21 3.64 -12.66
N SER A 184 9.19 3.31 -13.44
CA SER A 184 9.96 2.10 -13.24
C SER A 184 11.44 2.43 -13.54
N SER A 185 12.33 2.05 -12.67
CA SER A 185 13.75 2.19 -12.93
C SER A 185 14.45 0.86 -13.08
N VAL A 186 15.55 0.88 -13.83
CA VAL A 186 16.39 -0.33 -14.00
C VAL A 186 17.83 0.15 -13.90
N THR A 187 18.65 -0.58 -13.16
CA THR A 187 20.04 -0.26 -13.09
C THR A 187 20.84 -1.44 -13.67
N VAL A 188 21.72 -1.13 -14.60
CA VAL A 188 22.57 -2.17 -15.21
C VAL A 188 24.02 -1.67 -15.30
N PRO A 189 24.98 -2.61 -15.51
CA PRO A 189 26.35 -2.18 -15.70
C PRO A 189 26.51 -1.23 -16.88
N SER A 190 27.34 -0.23 -16.74
CA SER A 190 27.63 0.68 -17.82
C SER A 190 28.27 -0.06 -19.01
N SER A 191 28.77 -1.27 -18.72
CA SER A 191 29.39 -2.04 -19.81
C SER A 191 28.32 -2.81 -20.58
N THR A 192 27.08 -2.68 -20.06
CA THR A 192 25.93 -3.42 -20.59
C THR A 192 25.04 -2.55 -21.49
N TRP A 193 24.86 -1.29 -21.10
CA TRP A 193 24.09 -0.32 -21.85
C TRP A 193 24.93 0.92 -22.02
N PRO A 194 24.97 1.52 -23.22
CA PRO A 194 24.16 1.24 -24.41
C PRO A 194 24.64 0.12 -25.31
N SER A 195 25.72 -0.57 -24.92
CA SER A 195 26.25 -1.66 -25.78
C SER A 195 25.17 -2.67 -26.19
N GLU A 196 24.30 -3.02 -25.26
CA GLU A 196 23.12 -3.85 -25.58
C GLU A 196 21.87 -2.99 -25.40
N THR A 197 20.84 -3.34 -26.15
CA THR A 197 19.56 -2.62 -26.07
C THR A 197 18.86 -2.85 -24.72
N VAL A 198 18.29 -1.81 -24.20
CA VAL A 198 17.41 -1.87 -23.03
C VAL A 198 16.06 -1.22 -23.37
N THR A 199 14.97 -1.94 -23.16
CA THR A 199 13.63 -1.53 -23.58
C THR A 199 12.65 -1.78 -22.43
N CYS A 200 11.81 -0.81 -22.14
CA CYS A 200 10.74 -1.06 -21.17
C CYS A 200 9.49 -1.44 -21.93
N ASN A 201 8.79 -2.43 -21.43
CA ASN A 201 7.59 -2.95 -22.04
C ASN A 201 6.42 -2.71 -21.09
N VAL A 202 5.45 -1.97 -21.54
CA VAL A 202 4.33 -1.53 -20.69
C VAL A 202 3.00 -2.04 -21.23
N ALA A 203 2.41 -2.98 -20.52
CA ALA A 203 1.15 -3.56 -20.96
C ALA A 203 0.02 -2.94 -20.11
N HIS A 204 -1.03 -2.55 -20.78
CA HIS A 204 -2.25 -2.07 -20.15
C HIS A 204 -3.43 -2.87 -20.68
N PRO A 205 -3.75 -3.98 -20.03
CA PRO A 205 -4.74 -4.91 -20.58
C PRO A 205 -6.07 -4.26 -20.90
N ALA A 206 -6.50 -3.35 -20.02
CA ALA A 206 -7.83 -2.74 -20.14
C ALA A 206 -8.04 -1.98 -21.45
N SER A 207 -6.97 -1.39 -21.98
CA SER A 207 -7.06 -0.63 -23.22
C SER A 207 -6.51 -1.40 -24.43
N SER A 208 -6.19 -2.66 -24.19
CA SER A 208 -5.60 -3.52 -25.22
C SER A 208 -4.39 -2.83 -25.82
N THR A 209 -3.51 -2.38 -24.94
N THR A 209 -3.52 -2.32 -24.95
CA THR A 209 -2.25 -1.72 -25.36
CA THR A 209 -2.25 -1.73 -25.44
C THR A 209 -1.01 -2.41 -24.79
C THR A 209 -0.99 -2.31 -24.77
N LYS A 210 0.08 -2.39 -25.57
CA LYS A 210 1.39 -2.78 -25.07
C LYS A 210 2.39 -1.91 -25.79
N VAL A 211 3.07 -1.06 -25.05
CA VAL A 211 4.04 -0.13 -25.60
C VAL A 211 5.42 -0.58 -25.25
N ASP A 212 6.31 -0.47 -26.21
CA ASP A 212 7.72 -0.72 -25.97
C ASP A 212 8.48 0.61 -26.16
N LYS A 213 9.34 0.94 -25.23
CA LYS A 213 10.13 2.13 -25.36
C LYS A 213 11.61 1.76 -25.20
N LYS A 214 12.36 1.86 -26.30
CA LYS A 214 13.78 1.60 -26.27
C LYS A 214 14.43 2.78 -25.58
N ILE A 215 15.35 2.53 -24.67
CA ILE A 215 16.05 3.62 -24.00
C ILE A 215 17.33 3.95 -24.74
N VAL A 216 17.40 5.18 -25.21
CA VAL A 216 18.58 5.72 -25.94
C VAL A 216 19.12 6.92 -25.19
N PRO A 217 20.45 7.13 -25.22
CA PRO A 217 20.96 8.30 -24.51
C PRO A 217 20.16 9.56 -24.85
N ARG A 218 19.91 10.39 -23.86
CA ARG A 218 18.90 11.46 -23.97
C ARG A 218 19.18 12.59 -22.99
N ASP B 1 -14.16 6.61 22.39
CA ASP B 1 -13.79 5.18 22.13
C ASP B 1 -12.51 4.80 22.81
N VAL B 2 -12.32 3.49 23.01
CA VAL B 2 -11.09 2.98 23.58
C VAL B 2 -9.97 3.15 22.53
N VAL B 3 -8.92 3.85 22.91
CA VAL B 3 -7.76 4.07 22.04
C VAL B 3 -6.74 2.96 22.22
N MET B 4 -6.42 2.29 21.12
CA MET B 4 -5.45 1.19 21.08
C MET B 4 -4.14 1.69 20.52
N THR B 5 -3.14 1.74 21.37
CA THR B 5 -1.81 2.31 20.98
C THR B 5 -0.77 1.21 20.77
N GLN B 6 -0.38 1.04 19.54
CA GLN B 6 0.63 0.07 19.16
C GLN B 6 1.99 0.74 19.01
N THR B 7 3.00 0.17 19.62
CA THR B 7 4.36 0.64 19.51
C THR B 7 5.30 -0.57 19.32
N PRO B 8 6.33 -0.41 18.48
CA PRO B 8 6.55 0.81 17.69
C PRO B 8 5.67 0.80 16.47
N LEU B 9 5.75 1.84 15.67
CA LEU B 9 5.02 1.85 14.39
C LEU B 9 5.66 0.86 13.42
N THR B 10 6.98 0.77 13.45
CA THR B 10 7.75 -0.11 12.57
C THR B 10 8.82 -0.81 13.39
N LEU B 11 8.81 -2.14 13.41
CA LEU B 11 9.81 -2.92 14.15
C LEU B 11 10.74 -3.63 13.15
N SER B 12 12.00 -3.30 13.26
CA SER B 12 13.03 -4.00 12.47
C SER B 12 13.36 -5.29 13.18
N VAL B 13 13.32 -6.38 12.43
CA VAL B 13 13.57 -7.70 12.98
C VAL B 13 14.60 -8.45 12.15
N THR B 14 15.07 -9.55 12.73
CA THR B 14 16.03 -10.42 12.03
C THR B 14 15.53 -11.83 12.02
N ILE B 15 15.53 -12.42 10.84
CA ILE B 15 15.11 -13.83 10.72
C ILE B 15 15.89 -14.72 11.68
N GLY B 16 15.15 -15.55 12.44
CA GLY B 16 15.74 -16.42 13.45
C GLY B 16 15.91 -15.79 14.81
N GLN B 17 15.54 -14.51 14.94
CA GLN B 17 15.69 -13.80 16.20
C GLN B 17 14.32 -13.43 16.76
N PRO B 18 14.23 -13.17 18.07
CA PRO B 18 12.94 -12.87 18.66
C PRO B 18 12.49 -11.48 18.28
N ALA B 19 11.20 -11.24 18.44
CA ALA B 19 10.61 -9.90 18.26
C ALA B 19 9.51 -9.71 19.28
N SER B 20 9.23 -8.45 19.58
CA SER B 20 8.22 -8.08 20.58
C SER B 20 7.53 -6.80 20.18
N ILE B 21 6.21 -6.80 20.28
N ILE B 21 6.19 -6.76 20.21
CA ILE B 21 5.35 -5.66 19.93
CA ILE B 21 5.47 -5.52 19.94
C ILE B 21 4.45 -5.31 21.11
C ILE B 21 4.38 -5.29 20.98
N SER B 22 4.16 -4.03 21.30
CA SER B 22 3.33 -3.57 22.40
C SER B 22 1.99 -3.06 21.90
N CYS B 23 0.95 -3.38 22.63
CA CYS B 23 -0.36 -2.84 22.42
C CYS B 23 -0.92 -2.43 23.76
N LYS B 24 -1.21 -1.14 23.93
CA LYS B 24 -1.73 -0.61 25.17
CA LYS B 24 -1.75 -0.64 25.17
C LYS B 24 -3.09 0.05 24.94
N SER B 25 -4.03 -0.20 25.82
CA SER B 25 -5.36 0.44 25.72
C SER B 25 -5.50 1.62 26.67
N SER B 26 -6.39 2.53 26.31
CA SER B 26 -6.63 3.73 27.12
C SER B 26 -7.48 3.44 28.36
N GLN B 27 -8.13 2.28 28.35
CA GLN B 27 -8.79 1.77 29.52
C GLN B 27 -8.70 0.24 29.57
N SER B 28 -8.87 -0.30 30.78
N SER B 28 -8.85 -0.30 30.78
CA SER B 28 -8.76 -1.76 30.97
CA SER B 28 -8.77 -1.75 30.98
C SER B 28 -9.71 -2.53 30.05
C SER B 28 -9.69 -2.50 30.00
N LEU B 29 -9.19 -3.60 29.47
CA LEU B 29 -9.98 -4.45 28.60
C LEU B 29 -10.55 -5.64 29.39
N LEU B 30 -10.32 -5.64 30.67
CA LEU B 30 -10.95 -6.65 31.54
C LEU B 30 -12.44 -6.42 31.61
N ASP B 31 -13.20 -7.35 31.08
CA ASP B 31 -14.65 -7.24 30.97
C ASP B 31 -15.28 -7.64 32.30
N SER B 32 -16.46 -7.13 32.55
CA SER B 32 -17.15 -7.45 33.78
C SER B 32 -17.51 -8.94 33.83
N ASP B 33 -17.47 -9.61 32.70
CA ASP B 33 -17.74 -11.06 32.65
C ASP B 33 -16.54 -11.94 32.98
N GLY B 34 -15.41 -11.29 33.21
CA GLY B 34 -14.21 -12.01 33.63
C GLY B 34 -13.17 -12.20 32.54
N LYS B 35 -13.60 -12.04 31.30
CA LYS B 35 -12.71 -12.22 30.15
C LYS B 35 -12.07 -10.91 29.70
N THR B 36 -10.93 -11.01 29.03
CA THR B 36 -10.24 -9.83 28.51
C THR B 36 -10.18 -9.96 27.00
N TYR B 37 -10.99 -9.18 26.30
CA TYR B 37 -11.21 -9.34 24.88
C TYR B 37 -10.17 -8.58 24.05
N LEU B 38 -8.92 -9.03 24.14
CA LEU B 38 -7.81 -8.44 23.44
C LEU B 38 -7.34 -9.42 22.38
N ASN B 39 -7.25 -8.95 21.14
CA ASN B 39 -7.06 -9.77 19.97
C ASN B 39 -5.86 -9.28 19.15
N TRP B 40 -5.18 -10.20 18.49
CA TRP B 40 -4.11 -9.89 17.50
C TRP B 40 -4.44 -10.49 16.14
N LEU B 41 -4.22 -9.73 15.08
CA LEU B 41 -4.38 -10.13 13.69
C LEU B 41 -3.06 -9.87 12.98
N LEU B 42 -2.76 -10.66 11.98
CA LEU B 42 -1.69 -10.39 11.05
C LEU B 42 -2.27 -10.18 9.65
N GLN B 43 -1.84 -9.09 9.00
CA GLN B 43 -2.13 -8.89 7.59
C GLN B 43 -0.86 -8.85 6.79
N ARG B 44 -0.67 -9.88 6.00
CA ARG B 44 0.50 -9.98 5.11
C ARG B 44 0.24 -9.17 3.87
N PRO B 45 1.31 -8.72 3.18
CA PRO B 45 1.14 -7.94 1.95
C PRO B 45 0.22 -8.62 0.94
N GLY B 46 -0.78 -7.88 0.45
CA GLY B 46 -1.73 -8.37 -0.55
C GLY B 46 -2.77 -9.35 -0.02
N GLN B 47 -2.73 -9.58 1.28
CA GLN B 47 -3.62 -10.58 1.87
C GLN B 47 -4.67 -9.93 2.76
N SER B 48 -5.68 -10.70 3.10
CA SER B 48 -6.71 -10.29 4.06
C SER B 48 -6.17 -10.54 5.47
N PRO B 49 -6.71 -9.88 6.50
CA PRO B 49 -6.27 -10.11 7.86
C PRO B 49 -6.52 -11.58 8.31
N LYS B 50 -5.66 -12.08 9.21
CA LYS B 50 -5.87 -13.41 9.76
C LYS B 50 -5.76 -13.38 11.27
N ARG B 51 -6.68 -14.05 11.97
CA ARG B 51 -6.63 -14.12 13.40
C ARG B 51 -5.37 -14.85 13.88
N LEU B 52 -4.66 -14.29 14.85
CA LEU B 52 -3.49 -14.94 15.47
CA LEU B 52 -3.49 -14.93 15.45
C LEU B 52 -3.86 -15.36 16.88
N ILE B 53 -4.30 -14.39 17.68
CA ILE B 53 -4.50 -14.54 19.12
C ILE B 53 -5.81 -13.94 19.57
N TYR B 54 -6.51 -14.64 20.44
CA TYR B 54 -7.74 -14.09 21.02
C TYR B 54 -7.67 -14.27 22.54
N LEU B 55 -8.50 -13.58 23.28
CA LEU B 55 -8.48 -13.62 24.73
C LEU B 55 -7.07 -13.51 25.29
N VAL B 56 -6.35 -12.52 24.77
CA VAL B 56 -4.98 -12.14 25.23
C VAL B 56 -3.90 -13.13 24.81
N SER B 57 -4.17 -14.40 25.02
CA SER B 57 -3.09 -15.41 24.94
C SER B 57 -3.45 -16.70 24.25
N LYS B 58 -4.68 -16.81 23.77
CA LYS B 58 -5.10 -18.05 23.10
C LYS B 58 -4.73 -18.03 21.63
N LEU B 59 -4.03 -19.02 21.17
CA LEU B 59 -3.63 -19.15 19.79
C LEU B 59 -4.74 -19.76 18.99
N ASP B 60 -5.01 -19.19 17.83
CA ASP B 60 -5.94 -19.82 16.89
C ASP B 60 -5.32 -21.08 16.33
N SER B 61 -6.16 -22.07 16.12
CA SER B 61 -5.72 -23.35 15.55
C SER B 61 -4.92 -23.16 14.29
N GLY B 62 -3.81 -23.91 14.19
CA GLY B 62 -2.92 -23.74 13.04
C GLY B 62 -1.92 -22.60 13.12
N VAL B 63 -2.21 -21.58 13.94
CA VAL B 63 -1.27 -20.45 14.07
C VAL B 63 0.01 -20.92 14.73
N PRO B 64 1.16 -20.50 14.19
CA PRO B 64 2.42 -20.98 14.72
C PRO B 64 2.62 -20.69 16.20
N ASP B 65 3.09 -21.67 16.94
CA ASP B 65 3.29 -21.47 18.37
C ASP B 65 4.57 -20.70 18.72
N ARG B 66 5.24 -20.21 17.68
CA ARG B 66 6.28 -19.20 17.87
C ARG B 66 5.64 -17.85 18.31
N PHE B 67 4.33 -17.72 18.17
CA PHE B 67 3.60 -16.53 18.63
C PHE B 67 3.09 -16.74 20.03
N THR B 68 3.35 -15.77 20.92
CA THR B 68 2.82 -15.78 22.27
C THR B 68 2.23 -14.44 22.58
N GLY B 69 1.01 -14.42 23.13
CA GLY B 69 0.38 -13.20 23.56
C GLY B 69 0.33 -13.16 25.07
N SER B 70 0.53 -11.96 25.64
CA SER B 70 0.55 -11.81 27.09
C SER B 70 0.01 -10.45 27.45
N GLY B 71 -0.20 -10.23 28.72
CA GLY B 71 -0.62 -8.94 29.23
C GLY B 71 -1.89 -9.03 30.04
N SER B 72 -2.32 -7.88 30.55
CA SER B 72 -3.53 -7.78 31.32
C SER B 72 -3.94 -6.32 31.44
N GLY B 73 -5.22 -6.09 31.64
CA GLY B 73 -5.73 -4.77 31.88
C GLY B 73 -5.57 -3.85 30.68
N THR B 74 -4.53 -3.01 30.71
CA THR B 74 -4.27 -2.09 29.61
C THR B 74 -3.00 -2.38 28.79
N ASP B 75 -2.18 -3.34 29.23
CA ASP B 75 -0.84 -3.50 28.64
C ASP B 75 -0.68 -4.90 28.09
N PHE B 76 -0.48 -5.01 26.79
CA PHE B 76 -0.36 -6.29 26.11
C PHE B 76 0.85 -6.36 25.22
N THR B 77 1.30 -7.58 24.97
CA THR B 77 2.52 -7.79 24.23
C THR B 77 2.33 -9.02 23.35
N LEU B 78 2.76 -8.93 22.12
CA LEU B 78 2.84 -10.06 21.21
C LEU B 78 4.30 -10.36 21.03
N LYS B 79 4.69 -11.61 21.25
CA LYS B 79 6.09 -12.00 21.10
C LYS B 79 6.20 -13.06 20.05
N ILE B 80 7.26 -12.99 19.27
CA ILE B 80 7.61 -14.02 18.30
C ILE B 80 8.96 -14.58 18.77
N SER B 81 9.00 -15.91 19.01
CA SER B 81 10.21 -16.50 19.59
C SER B 81 11.37 -16.49 18.62
N ARG B 82 11.06 -16.80 17.37
CA ARG B 82 12.05 -16.74 16.29
C ARG B 82 11.35 -16.30 15.03
N VAL B 83 11.74 -15.13 14.52
CA VAL B 83 11.06 -14.57 13.36
C VAL B 83 11.37 -15.38 12.10
N GLU B 84 10.35 -15.64 11.33
CA GLU B 84 10.50 -16.27 10.01
C GLU B 84 9.94 -15.29 8.95
N ALA B 85 10.36 -15.52 7.72
CA ALA B 85 10.01 -14.67 6.58
C ALA B 85 8.49 -14.44 6.46
N GLU B 86 7.75 -15.50 6.72
CA GLU B 86 6.28 -15.47 6.64
C GLU B 86 5.66 -14.52 7.68
N ASP B 87 6.43 -14.13 8.68
CA ASP B 87 5.94 -13.32 9.77
C ASP B 87 5.91 -11.83 9.41
N LEU B 88 6.50 -11.47 8.28
CA LEU B 88 6.57 -10.06 7.91
C LEU B 88 5.20 -9.60 7.46
N GLY B 89 4.86 -8.40 7.88
CA GLY B 89 3.53 -7.87 7.61
C GLY B 89 3.14 -6.86 8.64
N VAL B 90 1.85 -6.55 8.71
CA VAL B 90 1.35 -5.59 9.67
C VAL B 90 0.55 -6.32 10.74
N TYR B 91 0.89 -6.12 12.00
CA TYR B 91 0.13 -6.68 13.12
C TYR B 91 -0.86 -5.65 13.63
N TYR B 92 -2.10 -6.06 13.82
CA TYR B 92 -3.07 -5.18 14.47
C TYR B 92 -3.52 -5.84 15.75
N CYS B 93 -3.58 -5.07 16.82
CA CYS B 93 -4.36 -5.52 17.99
C CYS B 93 -5.70 -4.82 17.92
N TRP B 94 -6.72 -5.43 18.51
CA TRP B 94 -8.00 -4.81 18.57
C TRP B 94 -8.76 -5.32 19.79
N GLN B 95 -9.65 -4.52 20.30
CA GLN B 95 -10.36 -4.84 21.53
C GLN B 95 -11.85 -5.03 21.28
N GLY B 96 -12.40 -6.04 21.93
CA GLY B 96 -13.85 -6.26 21.87
C GLY B 96 -14.54 -6.20 23.23
N THR B 97 -13.97 -5.50 24.20
CA THR B 97 -14.54 -5.39 25.54
C THR B 97 -15.56 -4.24 25.59
N HIS B 98 -15.21 -3.17 24.94
CA HIS B 98 -16.02 -1.93 24.94
C HIS B 98 -16.48 -1.57 23.54
N PHE B 99 -17.78 -1.58 23.28
CA PHE B 99 -18.28 -1.11 22.00
C PHE B 99 -18.07 0.42 21.92
N PRO B 100 -17.64 0.90 20.76
CA PRO B 100 -17.34 0.18 19.56
C PRO B 100 -15.99 -0.54 19.56
N LEU B 101 -15.95 -1.65 18.87
CA LEU B 101 -14.74 -2.40 18.56
C LEU B 101 -13.73 -1.42 17.96
N THR B 102 -12.52 -1.41 18.46
CA THR B 102 -11.49 -0.50 17.93
C THR B 102 -10.20 -1.22 17.67
N PHE B 103 -9.49 -0.77 16.68
CA PHE B 103 -8.19 -1.31 16.27
C PHE B 103 -7.04 -0.39 16.63
N GLY B 104 -5.88 -0.97 16.86
CA GLY B 104 -4.65 -0.22 16.86
C GLY B 104 -4.31 0.15 15.42
N ALA B 105 -3.30 1.03 15.29
CA ALA B 105 -2.97 1.59 13.99
C ALA B 105 -2.14 0.64 13.19
N GLY B 106 -1.71 -0.46 13.83
CA GLY B 106 -0.86 -1.43 13.21
C GLY B 106 0.62 -1.20 13.48
N THR B 107 1.38 -2.28 13.69
CA THR B 107 2.83 -2.17 13.59
C THR B 107 3.37 -3.05 12.51
N LYS B 108 4.25 -2.48 11.73
CA LYS B 108 4.78 -3.17 10.58
C LYS B 108 6.12 -3.81 10.93
N LEU B 109 6.28 -5.08 10.59
CA LEU B 109 7.57 -5.77 10.74
C LEU B 109 8.32 -5.70 9.43
N GLU B 110 9.56 -5.22 9.51
CA GLU B 110 10.48 -5.19 8.35
C GLU B 110 11.84 -5.79 8.74
N LEU B 111 12.64 -6.10 7.74
CA LEU B 111 13.94 -6.72 7.97
C LEU B 111 15.06 -5.71 8.20
N LYS B 112 15.77 -5.90 9.29
CA LYS B 112 16.98 -5.15 9.57
C LYS B 112 18.07 -5.47 8.53
N ARG B 113 18.78 -4.44 8.13
CA ARG B 113 20.02 -4.61 7.32
C ARG B 113 20.88 -3.39 7.58
N ALA B 114 22.04 -3.33 6.94
CA ALA B 114 22.94 -2.17 7.11
C ALA B 114 22.40 -0.90 6.49
N ASP B 115 22.75 0.22 7.09
CA ASP B 115 22.38 1.53 6.51
C ASP B 115 22.92 1.64 5.09
N ALA B 116 22.16 2.28 4.24
CA ALA B 116 22.59 2.55 2.88
C ALA B 116 22.07 3.88 2.35
N ALA B 117 22.97 4.68 1.79
CA ALA B 117 22.57 5.95 1.25
C ALA B 117 21.81 5.72 -0.06
N PRO B 118 20.86 6.60 -0.38
CA PRO B 118 20.16 6.48 -1.63
C PRO B 118 21.10 6.69 -2.81
N THR B 119 20.83 6.04 -3.91
CA THR B 119 21.47 6.39 -5.18
C THR B 119 20.46 7.27 -5.90
N VAL B 120 20.84 8.49 -6.17
CA VAL B 120 19.89 9.48 -6.68
C VAL B 120 20.15 9.76 -8.15
N SER B 121 19.14 9.67 -8.98
CA SER B 121 19.19 9.97 -10.41
C SER B 121 18.11 10.98 -10.80
N ILE B 122 18.47 11.98 -11.58
CA ILE B 122 17.50 12.95 -12.07
C ILE B 122 17.40 12.89 -13.62
N PHE B 123 16.22 12.99 -14.13
CA PHE B 123 15.95 12.92 -15.56
C PHE B 123 15.11 14.15 -16.02
N PRO B 124 15.60 14.95 -16.98
CA PRO B 124 14.76 15.98 -17.55
C PRO B 124 13.60 15.40 -18.35
N PRO B 125 12.62 16.24 -18.70
CA PRO B 125 11.55 15.76 -19.60
C PRO B 125 12.12 15.16 -20.87
N SER B 126 11.51 14.11 -21.35
CA SER B 126 11.85 13.54 -22.64
C SER B 126 11.37 14.42 -23.79
N SER B 127 12.04 14.31 -24.93
CA SER B 127 11.60 15.01 -26.13
C SER B 127 10.14 14.64 -26.48
N GLU B 128 9.79 13.36 -26.31
CA GLU B 128 8.44 12.92 -26.65
C GLU B 128 7.42 13.63 -25.79
N GLN B 129 7.67 13.72 -24.50
CA GLN B 129 6.74 14.40 -23.64
C GLN B 129 6.65 15.88 -24.00
N LEU B 130 7.80 16.48 -24.27
CA LEU B 130 7.82 17.93 -24.58
C LEU B 130 6.99 18.24 -25.81
N THR B 131 7.03 17.35 -26.79
CA THR B 131 6.24 17.48 -28.00
C THR B 131 4.72 17.61 -27.71
N SER B 132 4.26 16.97 -26.65
N SER B 132 4.27 16.98 -26.65
CA SER B 132 2.85 17.00 -26.29
CA SER B 132 2.87 16.96 -26.24
C SER B 132 2.50 18.23 -25.45
C SER B 132 2.54 18.12 -25.30
N GLY B 133 3.51 19.00 -25.06
CA GLY B 133 3.26 20.17 -24.24
C GLY B 133 3.40 19.97 -22.76
N GLY B 134 4.00 18.85 -22.37
CA GLY B 134 4.23 18.52 -20.97
C GLY B 134 5.70 18.38 -20.59
N ALA B 135 5.98 18.46 -19.29
CA ALA B 135 7.34 18.43 -18.83
C ALA B 135 7.40 17.84 -17.44
N SER B 136 7.68 16.55 -17.36
CA SER B 136 7.91 15.89 -16.07
C SER B 136 9.39 15.69 -15.82
N VAL B 137 9.84 16.08 -14.63
CA VAL B 137 11.21 15.86 -14.19
C VAL B 137 11.14 14.75 -13.15
N VAL B 138 11.87 13.69 -13.37
CA VAL B 138 11.82 12.49 -12.53
C VAL B 138 13.06 12.32 -11.71
N CYS B 139 12.88 12.01 -10.44
N CYS B 139 12.88 12.03 -10.43
CA CYS B 139 13.99 11.75 -9.55
CA CYS B 139 14.02 11.72 -9.57
C CYS B 139 13.80 10.36 -8.90
C CYS B 139 13.82 10.38 -8.87
N PHE B 140 14.76 9.46 -9.06
CA PHE B 140 14.74 8.18 -8.36
C PHE B 140 15.71 8.29 -7.18
N LEU B 141 15.30 7.78 -6.05
CA LEU B 141 16.09 7.71 -4.83
C LEU B 141 16.09 6.24 -4.49
N ASN B 142 17.13 5.56 -4.88
CA ASN B 142 17.10 4.08 -4.95
C ASN B 142 17.96 3.38 -3.92
N ASN B 143 17.42 2.26 -3.43
CA ASN B 143 18.17 1.31 -2.63
C ASN B 143 18.80 1.90 -1.37
N PHE B 144 17.99 2.57 -0.56
CA PHE B 144 18.45 3.10 0.70
C PHE B 144 17.90 2.31 1.88
N TYR B 145 18.50 2.53 3.05
CA TYR B 145 18.03 1.96 4.29
C TYR B 145 18.57 2.80 5.45
N PRO B 146 17.76 3.14 6.45
CA PRO B 146 16.38 2.72 6.69
C PRO B 146 15.35 3.45 5.81
N LYS B 147 14.06 3.21 6.03
CA LYS B 147 13.06 3.55 5.06
C LYS B 147 12.72 5.05 5.02
N ASP B 148 12.96 5.77 6.11
CA ASP B 148 12.56 7.19 6.13
C ASP B 148 13.46 8.06 5.25
N ILE B 149 12.83 8.89 4.44
CA ILE B 149 13.55 9.73 3.51
C ILE B 149 12.71 10.94 3.21
N ASN B 150 13.38 12.00 2.81
CA ASN B 150 12.73 13.26 2.44
C ASN B 150 13.27 13.71 1.12
N VAL B 151 12.37 14.14 0.25
CA VAL B 151 12.78 14.73 -1.03
C VAL B 151 12.30 16.18 -1.06
N LYS B 152 13.12 17.04 -1.66
CA LYS B 152 12.74 18.43 -1.86
C LYS B 152 13.07 18.82 -3.29
N TRP B 153 12.18 19.56 -3.91
CA TRP B 153 12.40 20.10 -5.26
C TRP B 153 12.74 21.54 -5.18
N LYS B 154 13.73 21.96 -5.94
CA LYS B 154 14.02 23.39 -6.07
C LYS B 154 14.12 23.76 -7.54
N ILE B 155 13.63 24.95 -7.86
CA ILE B 155 13.71 25.44 -9.22
C ILE B 155 14.42 26.79 -9.10
N ASP B 156 15.52 26.93 -9.81
CA ASP B 156 16.38 28.13 -9.68
C ASP B 156 16.69 28.46 -8.24
N GLY B 157 16.95 27.44 -7.45
CA GLY B 157 17.50 27.61 -6.10
C GLY B 157 16.43 27.80 -5.04
N SER B 158 15.20 28.00 -5.49
CA SER B 158 14.12 28.28 -4.55
C SER B 158 13.27 27.03 -4.30
N GLU B 159 13.04 26.76 -3.02
CA GLU B 159 12.14 25.66 -2.65
C GLU B 159 10.82 25.94 -3.33
N ARG B 160 10.43 25.06 -4.23
CA ARG B 160 9.20 25.27 -4.98
C ARG B 160 9.05 24.18 -6.01
N GLN B 161 7.82 23.96 -6.45
N GLN B 161 7.82 23.96 -6.45
CA GLN B 161 7.53 22.88 -7.39
CA GLN B 161 7.53 22.88 -7.39
C GLN B 161 6.30 23.21 -8.20
C GLN B 161 6.30 23.21 -8.20
N ASN B 162 5.46 22.20 -8.33
CA ASN B 162 4.11 22.35 -8.87
C ASN B 162 3.47 20.99 -8.58
N GLY B 163 3.22 20.21 -9.62
CA GLY B 163 2.63 18.88 -9.40
C GLY B 163 3.74 17.87 -9.05
N VAL B 164 3.81 17.50 -7.79
CA VAL B 164 4.77 16.50 -7.34
C VAL B 164 4.07 15.20 -7.02
N LEU B 165 4.54 14.12 -7.62
CA LEU B 165 3.96 12.81 -7.41
C LEU B 165 5.02 11.89 -6.81
N ASN B 166 4.78 11.40 -5.61
CA ASN B 166 5.73 10.60 -4.87
C ASN B 166 5.22 9.19 -4.76
N SER B 167 6.09 8.24 -4.93
CA SER B 167 5.75 6.86 -4.70
C SER B 167 6.91 6.10 -4.03
N TRP B 168 6.58 5.17 -3.16
CA TRP B 168 7.58 4.43 -2.38
C TRP B 168 7.36 2.94 -2.55
N THR B 169 8.44 2.20 -2.80
CA THR B 169 8.35 0.75 -2.87
C THR B 169 8.26 0.14 -1.45
N ASP B 170 7.73 -1.06 -1.38
CA ASP B 170 7.85 -1.87 -0.20
C ASP B 170 9.27 -2.36 -0.08
N GLN B 171 9.61 -2.86 1.07
CA GLN B 171 10.98 -3.39 1.27
C GLN B 171 11.36 -4.37 0.15
N ASP B 172 12.56 -4.21 -0.41
CA ASP B 172 12.97 -5.05 -1.54
C ASP B 172 13.25 -6.49 -1.09
N SER B 173 12.66 -7.44 -1.80
CA SER B 173 12.78 -8.86 -1.44
C SER B 173 14.21 -9.38 -1.66
N LYS B 174 15.01 -8.61 -2.39
CA LYS B 174 16.38 -9.03 -2.78
C LYS B 174 17.41 -8.49 -1.80
N ASP B 175 17.40 -7.18 -1.57
CA ASP B 175 18.43 -6.57 -0.71
C ASP B 175 17.91 -5.84 0.54
N SER B 176 16.61 -5.92 0.78
CA SER B 176 15.98 -5.37 1.99
C SER B 176 16.06 -3.82 2.06
N THR B 177 16.34 -3.20 0.92
CA THR B 177 16.34 -1.75 0.85
C THR B 177 14.96 -1.19 0.49
N TYR B 178 14.90 0.11 0.46
CA TYR B 178 13.71 0.85 0.02
C TYR B 178 14.08 1.79 -1.12
N SER B 179 13.09 2.17 -1.93
CA SER B 179 13.30 3.13 -2.98
C SER B 179 12.11 4.11 -3.10
N MET B 180 12.33 5.23 -3.71
CA MET B 180 11.33 6.27 -3.84
C MET B 180 11.47 6.88 -5.23
N SER B 181 10.34 7.24 -5.82
CA SER B 181 10.29 7.99 -7.05
C SER B 181 9.56 9.30 -6.82
N SER B 182 10.11 10.39 -7.31
CA SER B 182 9.45 11.67 -7.18
C SER B 182 9.42 12.37 -8.56
N THR B 183 8.24 12.75 -9.01
CA THR B 183 8.06 13.33 -10.31
C THR B 183 7.47 14.71 -10.15
N LEU B 184 8.13 15.70 -10.74
CA LEU B 184 7.64 17.10 -10.75
C LEU B 184 7.08 17.32 -12.17
N THR B 185 5.82 17.68 -12.29
CA THR B 185 5.21 17.80 -13.61
C THR B 185 4.72 19.24 -13.85
N LEU B 186 5.26 19.82 -14.89
CA LEU B 186 4.94 21.19 -15.33
C LEU B 186 4.40 21.12 -16.75
N THR B 187 3.81 22.23 -17.22
CA THR B 187 3.57 22.38 -18.66
C THR B 187 4.92 22.67 -19.29
N LYS B 188 5.05 22.37 -20.59
CA LYS B 188 6.26 22.78 -21.30
C LYS B 188 6.48 24.29 -21.16
N ASP B 189 5.39 25.03 -21.28
CA ASP B 189 5.50 26.50 -21.18
C ASP B 189 6.16 26.91 -19.87
N GLU B 190 5.70 26.33 -18.78
CA GLU B 190 6.24 26.70 -17.46
C GLU B 190 7.66 26.22 -17.28
N TYR B 191 7.93 25.01 -17.75
CA TYR B 191 9.26 24.42 -17.70
C TYR B 191 10.28 25.40 -18.28
N GLU B 192 9.86 26.09 -19.35
CA GLU B 192 10.77 26.96 -20.11
C GLU B 192 10.95 28.32 -19.48
N ARG B 193 10.24 28.59 -18.40
CA ARG B 193 10.38 29.85 -17.67
C ARG B 193 11.47 29.80 -16.61
N HIS B 194 12.08 28.63 -16.47
CA HIS B 194 13.11 28.42 -15.44
C HIS B 194 14.29 27.59 -16.00
N ASN B 195 15.41 27.69 -15.33
CA ASN B 195 16.64 27.03 -15.79
C ASN B 195 17.09 25.82 -14.97
N SER B 196 17.28 26.01 -13.68
CA SER B 196 17.87 25.00 -12.80
C SER B 196 16.78 24.20 -12.11
N TYR B 197 16.87 22.88 -12.24
CA TYR B 197 15.93 21.95 -11.61
C TYR B 197 16.71 21.02 -10.71
N THR B 198 16.30 20.96 -9.45
CA THR B 198 17.08 20.24 -8.43
C THR B 198 16.20 19.33 -7.57
N CYS B 199 16.65 18.10 -7.40
CA CYS B 199 16.08 17.13 -6.49
CA CYS B 199 16.03 17.28 -6.38
C CYS B 199 17.04 16.96 -5.31
N GLU B 200 16.59 17.16 -4.09
CA GLU B 200 17.44 17.02 -2.91
C GLU B 200 16.92 15.93 -2.01
N ALA B 201 17.76 14.92 -1.78
CA ALA B 201 17.40 13.77 -0.91
C ALA B 201 18.06 13.92 0.47
N THR B 202 17.24 13.86 1.51
CA THR B 202 17.72 13.88 2.87
C THR B 202 17.46 12.53 3.53
N HIS B 203 18.51 11.94 4.09
CA HIS B 203 18.46 10.61 4.63
C HIS B 203 19.45 10.53 5.80
N LYS B 204 19.16 9.68 6.78
CA LYS B 204 19.92 9.65 8.03
C LYS B 204 21.39 9.30 7.82
N THR B 205 21.71 8.79 6.62
CA THR B 205 23.06 8.37 6.31
C THR B 205 24.06 9.52 6.14
N SER B 206 23.55 10.74 6.04
CA SER B 206 24.42 11.91 5.90
C SER B 206 23.72 13.16 6.43
N THR B 207 24.51 14.02 7.07
CA THR B 207 24.00 15.30 7.53
C THR B 207 23.73 16.23 6.34
N SER B 208 24.40 15.97 5.24
CA SER B 208 24.22 16.77 4.04
C SER B 208 23.35 16.06 3.00
N PRO B 209 22.38 16.77 2.40
CA PRO B 209 21.53 16.17 1.41
C PRO B 209 22.31 15.79 0.19
N ILE B 210 21.82 14.76 -0.50
CA ILE B 210 22.29 14.43 -1.86
C ILE B 210 21.53 15.35 -2.80
N VAL B 211 22.28 16.14 -3.56
CA VAL B 211 21.70 17.13 -4.49
C VAL B 211 21.99 16.73 -5.92
N LYS B 212 20.96 16.51 -6.72
CA LYS B 212 21.07 16.26 -8.15
C LYS B 212 20.34 17.36 -8.91
N SER B 213 21.03 17.95 -9.88
CA SER B 213 20.47 19.06 -10.64
C SER B 213 20.79 18.92 -12.11
N PHE B 214 20.02 19.62 -12.92
CA PHE B 214 20.47 19.89 -14.30
C PHE B 214 20.01 21.30 -14.67
N ASN B 215 20.72 21.90 -15.63
CA ASN B 215 20.31 23.18 -16.18
C ASN B 215 19.68 22.89 -17.52
N ARG B 216 18.45 23.35 -17.70
CA ARG B 216 17.72 23.11 -18.94
C ARG B 216 18.63 23.52 -20.12
N ASN B 217 18.77 22.58 -21.06
CA ASN B 217 19.78 22.65 -22.14
C ASN B 217 19.92 21.25 -22.75
N NO3 C . -15.09 5.92 6.72
O1 NO3 C . -15.86 6.10 5.59
O2 NO3 C . -15.61 6.32 7.98
O3 NO3 C . -13.82 5.42 6.78
#